data_6S1R
#
_entry.id   6S1R
#
_cell.length_a   57.390
_cell.length_b   77.980
_cell.length_c   97.510
_cell.angle_alpha   90.00
_cell.angle_beta   90.00
_cell.angle_gamma   90.00
#
_symmetry.space_group_name_H-M   'P 21 21 21'
#
loop_
_entity.id
_entity.type
_entity.pdbx_description
1 polymer 'Histone acetyltransferase type B subunit 2'
2 polymer 'Histone H4'
3 water water
#
loop_
_entity_poly.entity_id
_entity_poly.type
_entity_poly.pdbx_seq_one_letter_code
_entity_poly.pdbx_strand_id
1 'polypeptide(L)'
;GSEEVVQDAPLENNELNAEIDLQKTIQEEYKLWKQNVPFLYDLVITHALEWPSLTIQWLPDKKTIPGTDYSIQRLILGTH
TSGNDQNYLQIASVQLPNFDEDTTEFTPSTIRRAQATGSYTIEISQKIPHDGDVNRARYMPQKPEIIATMGEGGNAYIFD
TTCHDALTTGEALPQAVLKGHTAEGFGLCWNPNLPGNLATGAEDQVICLWDVQTQSFTSSETKVISPIAKYHRHTDIVND
VQFHPQHEALLASVSDDCTLQIHDTRLNPEEEAPKVIQAHSKAINAVAINPFNDYLLATASADKTVALWDLRNPYQRLHT
LEGHEDEVYGLEWSPHDEPILASSSTDRRVCIWDLEKIGEEQTPEDAEDGSPELLFMHGGHTNRISEFSWCPNERWVVGS
LADDNILQIWSPSRVIWGRDHVQVSPRDLE
;
A
2 'polypeptide(L)' GGAKRHRKILRDNIQGITKPAIRRLARRGGV B
#
# COMPACT_ATOMS: atom_id res chain seq x y z
N GLU A 12 -16.32 19.04 26.05
CA GLU A 12 -16.71 17.65 26.24
C GLU A 12 -15.72 16.94 27.18
N ASN A 13 -16.22 16.14 28.13
CA ASN A 13 -15.36 15.56 29.17
C ASN A 13 -14.93 14.13 28.85
N ASN A 14 -15.74 13.36 28.13
CA ASN A 14 -15.36 11.99 27.82
C ASN A 14 -14.38 11.95 26.64
N GLU A 15 -14.58 12.79 25.61
CA GLU A 15 -13.69 12.78 24.44
C GLU A 15 -12.25 13.14 24.83
N LEU A 16 -12.06 14.28 25.50
CA LEU A 16 -10.69 14.71 25.82
C LEU A 16 -9.95 13.68 26.66
N ASN A 17 -10.57 13.20 27.74
CA ASN A 17 -9.87 12.29 28.62
C ASN A 17 -9.71 10.91 28.00
N ALA A 18 -10.61 10.52 27.11
CA ALA A 18 -10.41 9.29 26.35
C ALA A 18 -9.23 9.41 25.39
N GLU A 19 -9.04 10.60 24.80
CA GLU A 19 -7.89 10.81 23.93
C GLU A 19 -6.60 10.84 24.74
N ILE A 20 -6.65 11.39 25.95
CA ILE A 20 -5.51 11.33 26.86
C ILE A 20 -5.16 9.87 27.17
N ASP A 21 -6.17 9.08 27.54
CA ASP A 21 -5.91 7.70 27.91
C ASP A 21 -5.37 6.90 26.71
N LEU A 22 -5.87 7.18 25.51
CA LEU A 22 -5.36 6.52 24.31
C LEU A 22 -3.88 6.81 24.10
N GLN A 23 -3.50 8.09 24.23
CA GLN A 23 -2.09 8.44 24.09
C GLN A 23 -1.24 7.76 25.16
N LYS A 24 -1.75 7.67 26.40
CA LYS A 24 -1.00 6.95 27.43
C LYS A 24 -0.80 5.49 27.05
N THR A 25 -1.85 4.84 26.52
CA THR A 25 -1.72 3.46 26.07
C THR A 25 -0.66 3.34 24.99
N ILE A 26 -0.69 4.25 24.02
CA ILE A 26 0.24 4.23 22.90
C ILE A 26 1.66 4.36 23.39
N GLN A 27 1.89 5.25 24.35
CA GLN A 27 3.25 5.44 24.85
C GLN A 27 3.71 4.24 25.65
N GLU A 28 2.82 3.65 26.46
CA GLU A 28 3.15 2.43 27.19
C GLU A 28 3.48 1.27 26.25
N GLU A 29 2.68 1.09 25.20
CA GLU A 29 2.90 -0.05 24.31
C GLU A 29 4.09 0.17 23.38
N TYR A 30 4.43 1.43 23.10
CA TYR A 30 5.63 1.70 22.30
C TYR A 30 6.89 1.36 23.09
N LYS A 31 6.88 1.63 24.39
CA LYS A 31 8.02 1.32 25.23
C LYS A 31 8.24 -0.19 25.31
N LEU A 32 7.16 -0.95 25.47
CA LEU A 32 7.26 -2.41 25.47
C LEU A 32 7.71 -2.94 24.12
N TRP A 33 7.17 -2.39 23.03
CA TRP A 33 7.59 -2.82 21.71
C TRP A 33 9.09 -2.65 21.54
N LYS A 34 9.64 -1.51 21.94
CA LYS A 34 11.07 -1.29 21.78
C LYS A 34 11.88 -2.32 22.58
N GLN A 35 11.40 -2.68 23.76
CA GLN A 35 12.09 -3.69 24.57
C GLN A 35 12.10 -5.05 23.87
N ASN A 36 11.09 -5.36 23.06
CA ASN A 36 11.00 -6.67 22.44
C ASN A 36 11.57 -6.73 21.03
N VAL A 37 11.94 -5.59 20.45
CA VAL A 37 12.46 -5.55 19.08
C VAL A 37 13.62 -6.53 18.88
N PRO A 38 14.60 -6.63 19.79
CA PRO A 38 15.74 -7.52 19.51
C PRO A 38 15.34 -8.98 19.35
N PHE A 39 14.19 -9.39 19.88
CA PHE A 39 13.71 -10.75 19.65
C PHE A 39 12.83 -10.87 18.42
N LEU A 40 12.22 -9.77 17.95
CA LEU A 40 11.22 -9.89 16.91
C LEU A 40 11.74 -9.53 15.52
N TYR A 41 12.85 -8.77 15.42
CA TYR A 41 13.29 -8.22 14.14
C TYR A 41 14.72 -8.59 13.81
N ASP A 42 14.99 -8.71 12.50
CA ASP A 42 16.36 -8.69 12.02
C ASP A 42 16.83 -7.29 11.63
N LEU A 43 15.91 -6.33 11.45
CA LEU A 43 16.27 -4.97 11.03
C LEU A 43 15.11 -4.03 11.37
N VAL A 44 15.45 -2.86 11.90
CA VAL A 44 14.48 -1.76 12.08
C VAL A 44 15.22 -0.46 11.79
N ILE A 45 14.83 0.23 10.73
CA ILE A 45 15.33 1.56 10.38
C ILE A 45 14.17 2.53 10.47
N THR A 46 14.37 3.65 11.16
CA THR A 46 13.36 4.68 11.34
C THR A 46 13.88 6.01 10.80
N HIS A 47 13.04 6.70 10.02
CA HIS A 47 13.36 8.02 9.45
C HIS A 47 12.17 8.95 9.66
N ALA A 48 12.42 10.12 10.23
CA ALA A 48 11.38 11.14 10.34
C ALA A 48 11.33 11.94 9.04
N LEU A 49 10.11 12.19 8.56
CA LEU A 49 9.89 12.94 7.33
C LEU A 49 9.44 14.36 7.65
N GLU A 50 9.80 15.29 6.76
CA GLU A 50 9.42 16.68 6.95
C GLU A 50 7.91 16.86 6.90
N TRP A 51 7.23 16.08 6.04
CA TRP A 51 5.80 16.08 5.87
C TRP A 51 5.26 14.66 5.99
N PRO A 52 4.06 14.49 6.52
CA PRO A 52 3.42 13.17 6.44
C PRO A 52 3.11 12.80 4.99
N SER A 53 3.15 11.51 4.69
CA SER A 53 2.87 11.02 3.35
C SER A 53 1.64 10.13 3.40
N LEU A 54 0.77 10.27 2.41
CA LEU A 54 -0.36 9.35 2.32
C LEU A 54 -0.04 8.09 1.54
N THR A 55 1.14 8.00 0.94
CA THR A 55 1.39 6.95 -0.04
C THR A 55 2.86 6.53 0.04
N ILE A 56 3.12 5.27 -0.31
CA ILE A 56 4.50 4.77 -0.37
C ILE A 56 4.55 3.64 -1.38
N GLN A 57 5.64 3.59 -2.16
CA GLN A 57 5.89 2.47 -3.07
C GLN A 57 7.39 2.33 -3.30
N TRP A 58 7.93 1.13 -3.12
CA TRP A 58 9.32 0.91 -3.53
C TRP A 58 9.44 0.96 -5.06
N LEU A 59 10.41 1.73 -5.56
CA LEU A 59 10.80 1.59 -6.95
C LEU A 59 11.62 0.32 -7.10
N PRO A 60 11.75 -0.22 -8.31
CA PRO A 60 12.35 -1.55 -8.47
C PRO A 60 13.87 -1.58 -8.58
N ASP A 61 14.55 -0.43 -8.60
CA ASP A 61 15.99 -0.43 -8.79
C ASP A 61 16.75 -0.63 -7.48
N LYS A 62 17.92 -1.25 -7.60
CA LYS A 62 18.84 -1.52 -6.50
C LYS A 62 20.26 -1.26 -6.98
N LYS A 63 21.00 -0.43 -6.26
CA LYS A 63 22.35 -0.05 -6.64
C LYS A 63 23.33 -0.62 -5.62
N THR A 64 24.12 -1.61 -6.03
CA THR A 64 25.15 -2.12 -5.14
C THR A 64 26.45 -1.36 -5.36
N ILE A 65 27.22 -1.25 -4.27
CA ILE A 65 28.49 -0.54 -4.29
C ILE A 65 29.57 -1.54 -3.92
N PRO A 66 30.45 -1.92 -4.83
CA PRO A 66 31.53 -2.84 -4.48
C PRO A 66 32.36 -2.25 -3.35
N GLY A 67 32.69 -3.09 -2.37
CA GLY A 67 33.45 -2.64 -1.23
C GLY A 67 32.64 -1.97 -0.14
N THR A 68 31.30 -1.96 -0.21
CA THR A 68 30.49 -1.55 0.93
C THR A 68 29.46 -2.62 1.20
N ASP A 69 29.02 -2.70 2.46
CA ASP A 69 28.06 -3.71 2.89
C ASP A 69 26.61 -3.23 2.81
N TYR A 70 26.31 -2.22 2.01
CA TYR A 70 24.92 -1.79 1.86
C TYR A 70 24.64 -1.49 0.41
N SER A 71 23.34 -1.48 0.08
CA SER A 71 22.86 -1.09 -1.24
C SER A 71 22.03 0.18 -1.11
N ILE A 72 21.78 0.84 -2.24
CA ILE A 72 20.91 2.00 -2.25
C ILE A 72 19.65 1.64 -3.02
N GLN A 73 18.49 1.82 -2.37
CA GLN A 73 17.18 1.62 -2.98
C GLN A 73 16.37 2.90 -2.84
N ARG A 74 15.18 2.93 -3.45
CA ARG A 74 14.41 4.18 -3.54
C ARG A 74 12.92 3.95 -3.29
N LEU A 75 12.30 4.97 -2.67
CA LEU A 75 10.89 4.98 -2.34
C LEU A 75 10.22 6.20 -2.95
N ILE A 76 9.04 6.00 -3.54
CA ILE A 76 8.15 7.09 -3.90
C ILE A 76 7.34 7.49 -2.67
N LEU A 77 7.32 8.80 -2.38
CA LEU A 77 6.58 9.37 -1.27
C LEU A 77 5.81 10.58 -1.77
N GLY A 78 4.86 11.04 -0.97
CA GLY A 78 4.18 12.29 -1.29
C GLY A 78 4.01 13.17 -0.07
N THR A 79 3.25 14.24 -0.20
CA THR A 79 2.95 15.13 0.91
C THR A 79 1.45 15.44 0.92
N HIS A 80 0.98 15.93 2.04
CA HIS A 80 -0.36 16.51 2.05
C HIS A 80 -0.35 17.67 3.04
N THR A 81 0.32 18.75 2.64
CA THR A 81 0.22 20.00 3.37
C THR A 81 -1.24 20.42 3.46
N SER A 82 -2.00 20.18 2.39
CA SER A 82 -3.46 20.34 2.35
C SER A 82 -3.89 21.75 2.72
N GLY A 83 -3.01 22.72 2.51
CA GLY A 83 -3.30 24.08 2.90
C GLY A 83 -2.05 24.94 2.91
N ASN A 84 -2.01 25.92 2.01
CA ASN A 84 -0.92 26.87 1.83
C ASN A 84 0.30 26.23 1.17
N ASP A 85 1.05 25.43 1.91
CA ASP A 85 2.37 24.99 1.46
C ASP A 85 2.28 24.19 0.16
N GLN A 86 3.33 24.31 -0.64
CA GLN A 86 3.40 23.58 -1.91
C GLN A 86 3.60 22.09 -1.63
N ASN A 87 2.84 21.26 -2.34
CA ASN A 87 2.95 19.82 -2.22
C ASN A 87 4.03 19.28 -3.17
N TYR A 88 4.47 18.06 -2.90
CA TYR A 88 5.57 17.46 -3.65
C TYR A 88 5.38 15.96 -3.80
N LEU A 89 5.56 15.47 -5.02
CA LEU A 89 5.91 14.07 -5.25
C LEU A 89 7.41 13.92 -4.99
N GLN A 90 7.78 13.00 -4.09
CA GLN A 90 9.17 12.89 -3.68
C GLN A 90 9.70 11.49 -3.93
N ILE A 91 11.00 11.40 -4.18
CA ILE A 91 11.71 10.13 -4.26
C ILE A 91 12.81 10.19 -3.19
N ALA A 92 12.81 9.23 -2.29
CA ALA A 92 13.80 9.16 -1.23
C ALA A 92 14.75 8.00 -1.53
N SER A 93 16.05 8.27 -1.41
CA SER A 93 17.08 7.24 -1.52
C SER A 93 17.50 6.77 -0.12
N VAL A 94 17.42 5.46 0.12
CA VAL A 94 17.70 4.86 1.42
C VAL A 94 18.75 3.76 1.29
N GLN A 95 19.75 3.79 2.17
CA GLN A 95 20.66 2.66 2.29
C GLN A 95 19.99 1.50 3.00
N LEU A 96 20.28 0.28 2.54
CA LEU A 96 19.82 -0.93 3.19
C LEU A 96 20.99 -1.91 3.29
N PRO A 97 21.11 -2.63 4.39
CA PRO A 97 22.19 -3.63 4.48
C PRO A 97 22.00 -4.72 3.44
N ASN A 98 23.10 -5.40 3.12
CA ASN A 98 23.07 -6.51 2.18
C ASN A 98 22.99 -7.80 3.00
N PHE A 99 21.79 -8.37 3.10
CA PHE A 99 21.59 -9.63 3.80
C PHE A 99 22.26 -10.78 3.07
N ASP A 100 22.58 -11.83 3.83
CA ASP A 100 22.84 -13.16 3.29
C ASP A 100 22.77 -14.15 4.44
N GLU A 101 22.66 -15.43 4.10
CA GLU A 101 22.12 -16.44 5.00
C GLU A 101 23.17 -17.01 5.96
N ASP A 102 22.67 -17.68 6.99
CA ASP A 102 23.49 -18.24 8.07
C ASP A 102 24.06 -19.60 7.68
N GLY A 118 22.62 -0.10 11.92
CA GLY A 118 21.80 1.06 12.23
C GLY A 118 22.42 2.42 11.91
N SER A 119 23.34 2.43 10.95
CA SER A 119 24.01 3.65 10.53
C SER A 119 23.51 4.14 9.17
N TYR A 120 22.31 3.71 8.76
CA TYR A 120 21.84 3.85 7.38
C TYR A 120 21.09 5.16 7.14
N THR A 121 21.37 5.79 6.00
CA THR A 121 20.91 7.14 5.73
C THR A 121 19.71 7.18 4.81
N ILE A 122 19.03 8.34 4.82
CA ILE A 122 18.02 8.71 3.83
C ILE A 122 18.44 10.02 3.18
N GLU A 123 18.06 10.18 1.92
CA GLU A 123 18.25 11.41 1.16
C GLU A 123 17.03 11.59 0.27
N ILE A 124 16.37 12.75 0.41
CA ILE A 124 15.29 13.14 -0.50
C ILE A 124 15.96 13.59 -1.79
N SER A 125 16.07 12.68 -2.77
CA SER A 125 16.83 13.00 -3.95
C SER A 125 16.04 13.74 -5.02
N GLN A 126 14.71 13.68 -5.01
CA GLN A 126 13.93 14.41 -6.00
C GLN A 126 12.68 14.99 -5.34
N LYS A 127 12.43 16.27 -5.57
CA LYS A 127 11.27 16.97 -5.00
C LYS A 127 10.53 17.65 -6.14
N ILE A 128 9.42 17.06 -6.56
CA ILE A 128 8.71 17.45 -7.78
C ILE A 128 7.43 18.17 -7.38
N PRO A 129 7.26 19.45 -7.76
CA PRO A 129 6.03 20.16 -7.40
C PRO A 129 4.80 19.45 -7.91
N HIS A 130 3.80 19.38 -7.04
CA HIS A 130 2.57 18.65 -7.26
C HIS A 130 1.38 19.50 -6.87
N ASP A 131 0.29 19.41 -7.62
CA ASP A 131 -0.91 20.20 -7.36
C ASP A 131 -1.80 19.46 -6.35
N GLY A 132 -1.85 19.97 -5.11
CA GLY A 132 -2.67 19.37 -4.06
C GLY A 132 -2.02 18.15 -3.41
N ASP A 133 -2.71 17.62 -2.41
CA ASP A 133 -2.28 16.37 -1.76
C ASP A 133 -1.94 15.32 -2.82
N VAL A 134 -0.90 14.53 -2.55
CA VAL A 134 -0.60 13.35 -3.35
C VAL A 134 -1.36 12.20 -2.69
N ASN A 135 -2.54 11.88 -3.21
CA ASN A 135 -3.39 10.90 -2.55
C ASN A 135 -2.83 9.49 -2.73
N ARG A 136 -2.28 9.21 -3.90
CA ARG A 136 -1.71 7.90 -4.18
C ARG A 136 -0.75 8.10 -5.34
N ALA A 137 0.33 7.33 -5.36
CA ALA A 137 1.31 7.41 -6.43
C ALA A 137 1.86 6.02 -6.74
N ARG A 138 1.99 5.71 -8.03
CA ARG A 138 2.44 4.40 -8.51
C ARG A 138 3.31 4.55 -9.75
N TYR A 139 4.42 3.83 -9.79
CA TYR A 139 5.23 3.85 -11.01
C TYR A 139 4.68 2.86 -12.03
N MET A 140 4.92 3.16 -13.31
CA MET A 140 4.49 2.24 -14.38
C MET A 140 5.44 1.05 -14.42
N PRO A 141 4.93 -0.18 -14.28
CA PRO A 141 5.84 -1.33 -14.17
C PRO A 141 6.78 -1.46 -15.35
N GLN A 142 6.30 -1.16 -16.56
CA GLN A 142 7.10 -1.27 -17.77
C GLN A 142 8.06 -0.11 -17.96
N LYS A 143 7.79 1.06 -17.37
CA LYS A 143 8.68 2.22 -17.46
C LYS A 143 8.68 2.91 -16.11
N PRO A 144 9.55 2.46 -15.20
CA PRO A 144 9.46 2.95 -13.81
C PRO A 144 9.73 4.43 -13.65
N GLU A 145 10.29 5.10 -14.66
CA GLU A 145 10.51 6.53 -14.51
C GLU A 145 9.21 7.31 -14.62
N ILE A 146 8.16 6.68 -15.14
CA ILE A 146 6.84 7.30 -15.27
C ILE A 146 6.05 7.01 -14.01
N ILE A 147 5.58 8.05 -13.34
CA ILE A 147 4.80 7.93 -12.11
C ILE A 147 3.47 8.63 -12.30
N ALA A 148 2.39 7.90 -12.04
CA ALA A 148 1.05 8.49 -12.00
C ALA A 148 0.66 8.79 -10.56
N THR A 149 -0.08 9.88 -10.37
CA THR A 149 -0.58 10.27 -9.05
C THR A 149 -2.06 10.60 -9.14
N MET A 150 -2.73 10.54 -7.99
CA MET A 150 -4.10 11.06 -7.84
C MET A 150 -4.01 12.34 -7.02
N GLY A 151 -4.55 13.44 -7.57
CA GLY A 151 -4.34 14.76 -6.99
C GLY A 151 -5.55 15.67 -6.95
N GLU A 152 -5.30 16.96 -7.14
CA GLU A 152 -6.29 17.99 -6.83
C GLU A 152 -7.59 17.78 -7.60
N GLY A 153 -8.70 17.79 -6.85
CA GLY A 153 -10.03 17.82 -7.41
C GLY A 153 -10.46 16.55 -8.10
N GLY A 154 -9.59 15.55 -8.19
CA GLY A 154 -9.86 14.36 -8.94
C GLY A 154 -8.95 14.18 -10.12
N ASN A 155 -8.20 15.21 -10.50
CA ASN A 155 -7.24 15.07 -11.58
C ASN A 155 -6.22 14.00 -11.25
N ALA A 156 -5.80 13.27 -12.25
CA ALA A 156 -4.63 12.41 -12.17
C ALA A 156 -3.51 13.08 -12.95
N TYR A 157 -2.27 12.81 -12.54
CA TYR A 157 -1.12 13.45 -13.15
C TYR A 157 -0.10 12.38 -13.52
N ILE A 158 0.66 12.65 -14.58
CA ILE A 158 1.76 11.79 -15.02
C ILE A 158 3.05 12.58 -14.96
N PHE A 159 4.07 12.01 -14.34
CA PHE A 159 5.40 12.62 -14.26
C PHE A 159 6.42 11.68 -14.87
N ASP A 160 7.45 12.25 -15.51
CA ASP A 160 8.68 11.55 -15.88
C ASP A 160 9.78 12.06 -14.96
N THR A 161 10.28 11.19 -14.08
CA THR A 161 11.24 11.63 -13.09
C THR A 161 12.68 11.69 -13.62
N THR A 162 12.91 11.30 -14.87
CA THR A 162 14.22 11.54 -15.47
C THR A 162 14.29 12.88 -16.19
N CYS A 163 13.18 13.62 -16.25
CA CYS A 163 13.09 14.85 -17.00
C CYS A 163 13.43 16.06 -16.15
N HIS A 164 13.52 17.22 -16.80
CA HIS A 164 13.94 18.45 -16.17
C HIS A 164 13.12 19.62 -16.72
N ASP A 165 13.27 20.76 -16.06
CA ASP A 165 12.67 21.99 -16.54
C ASP A 165 13.22 22.36 -17.92
N ALA A 166 12.37 23.03 -18.72
CA ALA A 166 12.77 23.40 -20.07
C ALA A 166 14.07 24.19 -20.07
N LEU A 167 14.24 25.08 -19.10
CA LEU A 167 15.41 25.95 -19.04
C LEU A 167 16.41 25.57 -17.95
N THR A 168 15.96 24.91 -16.89
CA THR A 168 16.78 24.69 -15.71
C THR A 168 16.84 23.22 -15.36
N THR A 169 17.72 22.91 -14.41
CA THR A 169 17.85 21.59 -13.81
C THR A 169 16.74 21.26 -12.82
N GLY A 170 15.86 22.22 -12.52
CA GLY A 170 14.74 21.94 -11.65
C GLY A 170 13.85 20.85 -12.20
N GLU A 171 13.10 20.21 -11.31
CA GLU A 171 12.24 19.11 -11.71
C GLU A 171 11.15 19.61 -12.65
N ALA A 172 10.69 18.70 -13.52
CA ALA A 172 9.76 19.05 -14.57
C ALA A 172 8.32 19.15 -14.05
N LEU A 173 7.52 19.95 -14.73
CA LEU A 173 6.09 20.00 -14.53
C LEU A 173 5.48 18.68 -15.04
N PRO A 174 4.25 18.35 -14.64
CA PRO A 174 3.65 17.11 -15.13
C PRO A 174 3.72 17.01 -16.65
N GLN A 175 4.06 15.81 -17.13
CA GLN A 175 4.00 15.52 -18.55
C GLN A 175 2.56 15.51 -19.04
N ALA A 176 1.62 15.12 -18.18
CA ALA A 176 0.22 15.06 -18.57
C ALA A 176 -0.66 15.24 -17.35
N VAL A 177 -1.86 15.77 -17.58
CA VAL A 177 -2.93 15.78 -16.59
C VAL A 177 -4.10 15.02 -17.18
N LEU A 178 -4.74 14.20 -16.34
CA LEU A 178 -5.79 13.27 -16.75
C LEU A 178 -7.12 13.78 -16.19
N LYS A 179 -7.97 14.31 -17.07
CA LYS A 179 -9.20 14.99 -16.67
C LYS A 179 -10.39 14.06 -16.84
N GLY A 180 -11.13 13.82 -15.74
CA GLY A 180 -12.28 12.95 -15.81
C GLY A 180 -13.04 12.84 -14.50
N HIS A 181 -12.33 12.69 -13.40
CA HIS A 181 -13.00 12.60 -12.12
C HIS A 181 -13.46 13.98 -11.66
N THR A 182 -14.60 14.02 -10.98
CA THR A 182 -15.17 15.27 -10.50
C THR A 182 -15.02 15.45 -8.99
N ALA A 183 -14.42 14.50 -8.29
CA ALA A 183 -14.04 14.65 -6.89
C ALA A 183 -12.75 13.87 -6.69
N GLU A 184 -12.06 14.15 -5.58
CA GLU A 184 -10.76 13.52 -5.37
C GLU A 184 -10.90 12.02 -5.14
N GLY A 185 -9.83 11.27 -5.43
CA GLY A 185 -9.85 9.84 -5.31
C GLY A 185 -8.53 9.27 -4.81
N PHE A 186 -8.58 8.00 -4.41
CA PHE A 186 -7.42 7.27 -3.93
C PHE A 186 -7.15 5.99 -4.71
N GLY A 187 -8.01 5.63 -5.66
CA GLY A 187 -7.82 4.40 -6.40
C GLY A 187 -6.93 4.68 -7.60
N LEU A 188 -5.87 3.89 -7.74
CA LEU A 188 -4.95 4.11 -8.84
C LEU A 188 -4.14 2.84 -9.06
N CYS A 189 -4.09 2.36 -10.31
CA CYS A 189 -3.25 1.21 -10.63
C CYS A 189 -2.95 1.13 -12.13
N TRP A 190 -1.74 0.67 -12.44
CA TRP A 190 -1.29 0.39 -13.79
C TRP A 190 -1.58 -1.05 -14.20
N ASN A 191 -1.81 -1.25 -15.50
CA ASN A 191 -1.96 -2.58 -16.06
C ASN A 191 -0.58 -3.17 -16.29
N PRO A 192 -0.17 -4.18 -15.52
CA PRO A 192 1.16 -4.78 -15.75
C PRO A 192 1.27 -5.53 -17.06
N ASN A 193 0.18 -5.70 -17.80
CA ASN A 193 0.22 -6.43 -19.06
C ASN A 193 -0.16 -5.58 -20.27
N LEU A 194 -0.45 -4.29 -20.09
CA LEU A 194 -0.78 -3.39 -21.19
C LEU A 194 -0.10 -2.06 -20.91
N PRO A 195 1.02 -1.77 -21.56
CA PRO A 195 1.81 -0.58 -21.20
C PRO A 195 0.99 0.69 -21.35
N GLY A 196 1.04 1.54 -20.32
CA GLY A 196 0.34 2.81 -20.30
C GLY A 196 -1.14 2.72 -20.00
N ASN A 197 -1.70 1.54 -19.84
CA ASN A 197 -3.09 1.43 -19.43
C ASN A 197 -3.20 1.69 -17.92
N LEU A 198 -4.10 2.61 -17.53
CA LEU A 198 -4.27 3.03 -16.13
C LEU A 198 -5.73 2.98 -15.72
N ALA A 199 -5.98 2.63 -14.45
CA ALA A 199 -7.32 2.75 -13.85
C ALA A 199 -7.28 3.60 -12.58
N THR A 200 -8.32 4.40 -12.39
CA THR A 200 -8.47 5.26 -11.22
C THR A 200 -9.88 5.14 -10.66
N GLY A 201 -10.02 5.28 -9.34
CA GLY A 201 -11.33 5.33 -8.71
C GLY A 201 -11.39 6.47 -7.71
N ALA A 202 -12.58 7.07 -7.56
CA ALA A 202 -12.63 8.29 -6.77
C ALA A 202 -13.94 8.43 -6.00
N GLU A 203 -14.03 9.53 -5.25
CA GLU A 203 -15.21 9.83 -4.45
C GLU A 203 -16.39 10.28 -5.29
N ASP A 204 -16.23 10.41 -6.60
CA ASP A 204 -17.38 10.60 -7.48
C ASP A 204 -18.05 9.27 -7.85
N GLN A 205 -17.59 8.16 -7.27
CA GLN A 205 -18.15 6.81 -7.45
C GLN A 205 -17.86 6.22 -8.82
N VAL A 206 -16.92 6.82 -9.55
CA VAL A 206 -16.63 6.46 -10.93
C VAL A 206 -15.26 5.80 -11.02
N ILE A 207 -15.13 4.87 -11.96
CA ILE A 207 -13.85 4.29 -12.36
C ILE A 207 -13.53 4.81 -13.76
N CYS A 208 -12.36 5.42 -13.93
CA CYS A 208 -11.88 5.86 -15.23
C CYS A 208 -10.75 4.97 -15.72
N LEU A 209 -10.80 4.61 -17.00
CA LEU A 209 -9.71 3.94 -17.67
C LEU A 209 -9.01 4.90 -18.62
N TRP A 210 -7.69 4.77 -18.72
CA TRP A 210 -6.88 5.73 -19.43
C TRP A 210 -5.88 4.96 -20.27
N ASP A 211 -5.47 5.59 -21.37
CA ASP A 211 -4.40 5.07 -22.22
C ASP A 211 -3.34 6.17 -22.26
N VAL A 212 -2.27 6.00 -21.49
CA VAL A 212 -1.23 7.00 -21.38
C VAL A 212 -0.12 6.62 -22.35
N GLN A 213 0.14 7.49 -23.33
CA GLN A 213 1.17 7.26 -24.34
C GLN A 213 2.36 8.14 -24.00
N THR A 214 3.40 7.55 -23.41
CA THR A 214 4.60 8.33 -23.13
C THR A 214 5.32 8.71 -24.42
N GLN A 215 5.06 7.95 -25.48
CA GLN A 215 4.99 8.43 -26.86
C GLN A 215 5.01 9.96 -26.98
N SER A 216 4.05 10.61 -26.33
CA SER A 216 3.62 11.97 -26.62
C SER A 216 4.34 13.04 -25.82
N PHE A 217 5.21 12.69 -24.87
CA PHE A 217 5.85 13.68 -24.01
C PHE A 217 7.12 14.23 -24.67
N THR A 218 6.93 14.81 -25.87
CA THR A 218 7.98 15.50 -26.60
C THR A 218 7.59 16.95 -26.88
N SER A 219 6.85 17.56 -25.95
CA SER A 219 6.19 18.83 -26.18
C SER A 219 6.58 19.83 -25.11
N SER A 220 6.42 21.10 -25.45
CA SER A 220 6.76 22.17 -24.52
C SER A 220 5.66 22.45 -23.50
N GLU A 221 4.54 21.72 -23.55
CA GLU A 221 3.45 21.94 -22.62
C GLU A 221 2.90 20.64 -22.06
N THR A 222 2.26 20.76 -20.89
CA THR A 222 1.56 19.63 -20.28
C THR A 222 0.46 19.15 -21.19
N LYS A 223 0.39 17.85 -21.37
CA LYS A 223 -0.64 17.23 -22.18
C LYS A 223 -1.89 16.97 -21.37
N VAL A 224 -3.06 17.19 -21.97
CA VAL A 224 -4.34 16.90 -21.34
C VAL A 224 -4.84 15.59 -21.92
N ILE A 225 -5.20 14.66 -21.04
CA ILE A 225 -5.67 13.33 -21.44
C ILE A 225 -7.07 13.13 -20.88
N SER A 226 -7.91 12.46 -21.67
CA SER A 226 -9.28 12.15 -21.35
C SER A 226 -9.43 10.63 -21.26
N PRO A 227 -10.41 10.11 -20.51
CA PRO A 227 -10.55 8.64 -20.40
C PRO A 227 -10.87 7.99 -21.74
N ILE A 228 -10.43 6.74 -21.89
CA ILE A 228 -11.02 5.89 -22.92
C ILE A 228 -12.27 5.18 -22.45
N ALA A 229 -12.56 5.19 -21.15
CA ALA A 229 -13.75 4.51 -20.67
C ALA A 229 -14.06 4.98 -19.26
N LYS A 230 -15.34 4.90 -18.90
CA LYS A 230 -15.80 5.23 -17.56
C LYS A 230 -16.84 4.22 -17.11
N TYR A 231 -16.77 3.82 -15.83
CA TYR A 231 -17.72 2.89 -15.24
C TYR A 231 -18.47 3.59 -14.12
N HIS A 232 -19.80 3.53 -14.18
CA HIS A 232 -20.65 4.13 -13.16
C HIS A 232 -21.40 3.02 -12.43
N ARG A 233 -20.67 1.99 -12.03
CA ARG A 233 -21.23 0.76 -11.51
C ARG A 233 -21.29 0.73 -9.99
N HIS A 234 -20.54 1.58 -9.30
CA HIS A 234 -20.61 1.67 -7.85
C HIS A 234 -21.59 2.78 -7.45
N THR A 235 -22.15 2.64 -6.25
CA THR A 235 -23.07 3.64 -5.74
C THR A 235 -22.50 4.40 -4.54
N ASP A 236 -21.17 4.42 -4.41
CA ASP A 236 -20.50 5.12 -3.32
C ASP A 236 -19.02 5.21 -3.67
N ILE A 237 -18.24 5.85 -2.80
CA ILE A 237 -16.82 6.11 -3.06
C ILE A 237 -16.11 4.84 -3.50
N VAL A 238 -15.33 4.93 -4.57
CA VAL A 238 -14.48 3.82 -5.03
C VAL A 238 -13.13 3.97 -4.34
N ASN A 239 -12.76 2.99 -3.51
CA ASN A 239 -11.56 3.13 -2.69
C ASN A 239 -10.30 2.52 -3.31
N ASP A 240 -10.44 1.52 -4.16
CA ASP A 240 -9.26 0.79 -4.61
C ASP A 240 -9.60 0.06 -5.89
N VAL A 241 -8.61 -0.04 -6.79
CA VAL A 241 -8.72 -0.76 -8.06
C VAL A 241 -7.42 -1.52 -8.27
N GLN A 242 -7.51 -2.71 -8.87
CA GLN A 242 -6.29 -3.45 -9.22
C GLN A 242 -6.56 -4.33 -10.43
N PHE A 243 -5.60 -4.31 -11.36
CA PHE A 243 -5.63 -5.22 -12.50
C PHE A 243 -5.10 -6.58 -12.07
N HIS A 244 -5.70 -7.64 -12.60
CA HIS A 244 -5.18 -8.98 -12.35
C HIS A 244 -3.74 -9.06 -12.88
N PRO A 245 -2.79 -9.50 -12.07
CA PRO A 245 -1.37 -9.52 -12.49
C PRO A 245 -1.11 -10.28 -13.79
N GLN A 246 -1.98 -11.18 -14.21
CA GLN A 246 -1.68 -11.95 -15.40
C GLN A 246 -2.74 -11.91 -16.48
N HIS A 247 -3.87 -11.24 -16.25
CA HIS A 247 -4.92 -11.15 -17.26
C HIS A 247 -5.23 -9.68 -17.50
N GLU A 248 -4.85 -9.18 -18.68
CA GLU A 248 -4.86 -7.74 -18.94
C GLU A 248 -6.25 -7.15 -19.01
N ALA A 249 -7.29 -7.94 -19.23
CA ALA A 249 -8.62 -7.38 -19.37
C ALA A 249 -9.40 -7.37 -18.06
N LEU A 250 -8.77 -7.76 -16.96
CA LEU A 250 -9.47 -8.07 -15.71
C LEU A 250 -9.13 -7.03 -14.66
N LEU A 251 -10.14 -6.34 -14.15
CA LEU A 251 -9.97 -5.25 -13.20
C LEU A 251 -10.90 -5.46 -12.01
N ALA A 252 -10.34 -5.45 -10.80
CA ALA A 252 -11.13 -5.53 -9.57
C ALA A 252 -11.29 -4.16 -8.94
N SER A 253 -12.44 -3.93 -8.32
CA SER A 253 -12.74 -2.65 -7.67
C SER A 253 -13.54 -2.89 -6.41
N VAL A 254 -13.26 -2.07 -5.37
CA VAL A 254 -13.95 -2.16 -4.09
C VAL A 254 -14.33 -0.74 -3.64
N SER A 255 -15.35 -0.69 -2.78
CA SER A 255 -16.06 0.57 -2.59
C SER A 255 -16.73 0.60 -1.22
N ASP A 256 -16.99 1.82 -0.75
CA ASP A 256 -17.83 2.07 0.42
C ASP A 256 -19.25 1.57 0.25
N ASP A 257 -19.66 1.16 -0.96
CA ASP A 257 -20.98 0.57 -1.11
C ASP A 257 -20.99 -0.91 -0.72
N CYS A 258 -19.86 -1.42 -0.21
CA CYS A 258 -19.73 -2.75 0.36
C CYS A 258 -19.72 -3.84 -0.69
N THR A 259 -19.34 -3.52 -1.94
CA THR A 259 -19.25 -4.52 -3.00
C THR A 259 -17.83 -4.63 -3.54
N LEU A 260 -17.50 -5.85 -3.94
CA LEU A 260 -16.35 -6.14 -4.78
C LEU A 260 -16.87 -6.40 -6.19
N GLN A 261 -16.30 -5.71 -7.19
CA GLN A 261 -16.75 -5.86 -8.57
C GLN A 261 -15.59 -6.27 -9.46
N ILE A 262 -15.84 -7.24 -10.34
CA ILE A 262 -14.85 -7.76 -11.27
C ILE A 262 -15.25 -7.31 -12.68
N HIS A 263 -14.44 -6.44 -13.30
CA HIS A 263 -14.77 -5.86 -14.60
C HIS A 263 -13.97 -6.53 -15.72
N ASP A 264 -14.64 -6.73 -16.87
CA ASP A 264 -13.97 -7.11 -18.11
C ASP A 264 -13.85 -5.87 -18.98
N THR A 265 -12.62 -5.39 -19.19
CA THR A 265 -12.39 -4.14 -19.89
C THR A 265 -12.49 -4.27 -21.41
N ARG A 266 -12.79 -5.46 -21.93
CA ARG A 266 -13.21 -5.55 -23.33
C ARG A 266 -14.65 -5.12 -23.52
N LEU A 267 -15.54 -5.51 -22.61
CA LEU A 267 -16.97 -5.35 -22.79
C LEU A 267 -17.35 -3.87 -22.65
N ASN A 268 -18.66 -3.58 -22.71
CA ASN A 268 -19.12 -2.21 -22.66
C ASN A 268 -19.88 -1.92 -21.37
N PRO A 269 -19.66 -0.75 -20.76
CA PRO A 269 -20.46 -0.33 -19.60
C PRO A 269 -21.89 0.06 -19.98
N GLU A 272 -21.01 -7.50 -20.60
CA GLU A 272 -21.23 -6.07 -20.34
C GLU A 272 -21.05 -5.75 -18.86
N ALA A 273 -22.11 -5.95 -18.07
CA ALA A 273 -22.10 -5.61 -16.66
C ALA A 273 -21.07 -6.45 -15.92
N PRO A 274 -20.48 -5.92 -14.86
CA PRO A 274 -19.41 -6.65 -14.16
C PRO A 274 -20.00 -7.72 -13.25
N LYS A 275 -19.11 -8.50 -12.61
CA LYS A 275 -19.53 -9.38 -11.53
C LYS A 275 -19.51 -8.59 -10.23
N VAL A 276 -20.62 -8.64 -9.49
CA VAL A 276 -20.79 -7.89 -8.25
C VAL A 276 -20.94 -8.88 -7.10
N ILE A 277 -20.14 -8.70 -6.05
CA ILE A 277 -20.17 -9.58 -4.89
C ILE A 277 -20.35 -8.73 -3.64
N GLN A 278 -21.35 -9.08 -2.82
CA GLN A 278 -21.57 -8.44 -1.53
C GLN A 278 -20.58 -9.04 -0.54
N ALA A 279 -19.33 -8.56 -0.64
CA ALA A 279 -18.23 -9.27 0.00
C ALA A 279 -18.17 -9.05 1.50
N HIS A 280 -18.53 -7.85 1.96
CA HIS A 280 -18.61 -7.55 3.38
C HIS A 280 -19.88 -6.74 3.59
N SER A 281 -20.32 -6.62 4.85
CA SER A 281 -21.47 -5.75 5.15
C SER A 281 -21.06 -4.34 5.58
N LYS A 282 -19.77 -4.04 5.62
CA LYS A 282 -19.29 -2.68 5.83
C LYS A 282 -18.32 -2.33 4.71
N ALA A 283 -17.93 -1.05 4.68
CA ALA A 283 -17.11 -0.51 3.59
C ALA A 283 -15.89 -1.38 3.30
N ILE A 284 -15.56 -1.52 2.01
CA ILE A 284 -14.41 -2.29 1.59
C ILE A 284 -13.34 -1.30 1.12
N ASN A 285 -12.20 -1.30 1.79
CA ASN A 285 -11.20 -0.25 1.63
C ASN A 285 -10.06 -0.65 0.70
N ALA A 286 -9.83 -1.94 0.49
CA ALA A 286 -8.68 -2.36 -0.31
C ALA A 286 -8.94 -3.73 -0.92
N VAL A 287 -8.22 -3.99 -2.01
CA VAL A 287 -8.30 -5.26 -2.73
C VAL A 287 -6.89 -5.65 -3.18
N ALA A 288 -6.65 -6.95 -3.31
CA ALA A 288 -5.30 -7.40 -3.66
C ALA A 288 -5.40 -8.79 -4.27
N ILE A 289 -4.90 -8.93 -5.49
CA ILE A 289 -4.92 -10.20 -6.22
C ILE A 289 -3.55 -10.86 -6.09
N ASN A 290 -3.54 -12.15 -5.76
CA ASN A 290 -2.29 -12.87 -5.56
C ASN A 290 -1.44 -12.87 -6.83
N PRO A 291 -0.16 -12.48 -6.77
CA PRO A 291 0.65 -12.38 -7.99
C PRO A 291 1.13 -13.72 -8.52
N PHE A 292 1.00 -14.79 -7.75
CA PHE A 292 1.49 -16.10 -8.15
C PHE A 292 0.39 -17.02 -8.62
N ASN A 293 -0.83 -16.81 -8.12
CA ASN A 293 -2.00 -17.57 -8.50
C ASN A 293 -2.77 -16.85 -9.59
N ASP A 294 -3.66 -17.59 -10.21
CA ASP A 294 -4.66 -17.03 -11.11
C ASP A 294 -5.89 -16.56 -10.37
N TYR A 295 -6.21 -17.19 -9.23
CA TYR A 295 -7.57 -17.18 -8.73
C TYR A 295 -7.77 -16.48 -7.39
N LEU A 296 -6.72 -16.32 -6.58
CA LEU A 296 -6.91 -15.93 -5.19
C LEU A 296 -6.92 -14.42 -5.04
N LEU A 297 -7.98 -13.90 -4.44
CA LEU A 297 -8.17 -12.46 -4.24
C LEU A 297 -8.54 -12.20 -2.79
N ALA A 298 -8.05 -11.09 -2.23
CA ALA A 298 -8.35 -10.75 -0.85
C ALA A 298 -8.96 -9.35 -0.78
N THR A 299 -9.83 -9.14 0.20
CA THR A 299 -10.45 -7.84 0.43
C THR A 299 -10.28 -7.42 1.89
N ALA A 300 -10.19 -6.11 2.13
CA ALA A 300 -10.01 -5.57 3.47
C ALA A 300 -11.14 -4.59 3.75
N SER A 301 -11.73 -4.68 4.94
CA SER A 301 -13.00 -4.02 5.19
C SER A 301 -12.98 -3.25 6.51
N ALA A 302 -13.87 -2.26 6.60
CA ALA A 302 -14.14 -1.59 7.87
C ALA A 302 -14.67 -2.54 8.95
N ASP A 303 -15.10 -3.75 8.58
CA ASP A 303 -15.56 -4.70 9.60
C ASP A 303 -14.40 -5.35 10.37
N LYS A 304 -13.16 -4.90 10.13
CA LYS A 304 -11.91 -5.28 10.81
C LYS A 304 -11.33 -6.59 10.30
N THR A 305 -11.85 -7.13 9.20
CA THR A 305 -11.37 -8.41 8.72
C THR A 305 -10.81 -8.28 7.32
N VAL A 306 -10.08 -9.32 6.92
CA VAL A 306 -9.62 -9.55 5.56
C VAL A 306 -10.28 -10.84 5.08
N ALA A 307 -10.94 -10.80 3.94
CA ALA A 307 -11.64 -11.97 3.43
C ALA A 307 -10.94 -12.49 2.18
N LEU A 308 -10.99 -13.81 1.98
CA LEU A 308 -10.34 -14.49 0.85
C LEU A 308 -11.37 -15.07 -0.10
N TRP A 309 -11.07 -14.99 -1.40
CA TRP A 309 -12.00 -15.31 -2.48
C TRP A 309 -11.27 -16.04 -3.60
N ASP A 310 -11.93 -17.05 -4.16
CA ASP A 310 -11.44 -17.79 -5.32
C ASP A 310 -12.21 -17.30 -6.55
N LEU A 311 -11.50 -16.70 -7.49
CA LEU A 311 -12.15 -16.06 -8.63
C LEU A 311 -12.90 -17.05 -9.50
N ARG A 312 -12.58 -18.34 -9.42
CA ARG A 312 -13.34 -19.35 -10.16
C ARG A 312 -14.71 -19.60 -9.56
N ASN A 313 -14.90 -19.27 -8.29
CA ASN A 313 -16.17 -19.50 -7.58
C ASN A 313 -16.42 -18.31 -6.68
N PRO A 314 -16.55 -17.12 -7.27
CA PRO A 314 -16.36 -15.88 -6.49
C PRO A 314 -17.47 -15.57 -5.51
N TYR A 315 -18.56 -16.34 -5.48
CA TYR A 315 -19.61 -16.01 -4.53
C TYR A 315 -19.48 -16.78 -3.22
N GLN A 316 -18.43 -17.57 -3.04
CA GLN A 316 -18.20 -18.25 -1.79
C GLN A 316 -17.04 -17.57 -1.07
N ARG A 317 -17.30 -17.08 0.14
CA ARG A 317 -16.21 -16.57 0.97
C ARG A 317 -15.42 -17.75 1.51
N LEU A 318 -14.12 -17.81 1.19
CA LEU A 318 -13.30 -18.95 1.60
C LEU A 318 -12.96 -18.91 3.08
N HIS A 319 -12.35 -17.81 3.53
CA HIS A 319 -12.01 -17.65 4.94
C HIS A 319 -12.00 -16.17 5.29
N THR A 320 -12.08 -15.90 6.58
CA THR A 320 -12.06 -14.57 7.15
C THR A 320 -10.89 -14.48 8.12
N LEU A 321 -10.01 -13.48 7.92
CA LEU A 321 -8.78 -13.37 8.71
C LEU A 321 -9.01 -12.33 9.79
N GLU A 322 -8.97 -12.77 11.05
CA GLU A 322 -9.26 -11.90 12.18
C GLU A 322 -7.99 -11.61 12.98
N GLY A 323 -7.89 -10.38 13.48
CA GLY A 323 -6.70 -9.98 14.20
C GLY A 323 -6.58 -8.48 14.36
N HIS A 324 -7.03 -7.72 13.36
CA HIS A 324 -7.04 -6.28 13.51
C HIS A 324 -8.10 -5.85 14.52
N GLU A 325 -7.91 -4.67 15.09
CA GLU A 325 -8.81 -4.16 16.12
C GLU A 325 -9.60 -2.95 15.67
N ASP A 326 -9.52 -2.59 14.39
CA ASP A 326 -10.18 -1.43 13.82
C ASP A 326 -10.24 -1.64 12.30
N GLU A 327 -10.75 -0.64 11.59
CA GLU A 327 -10.91 -0.76 10.14
C GLU A 327 -9.58 -1.17 9.48
N VAL A 328 -9.67 -2.03 8.47
CA VAL A 328 -8.51 -2.43 7.70
C VAL A 328 -8.47 -1.60 6.42
N TYR A 329 -7.33 -0.96 6.15
CA TYR A 329 -7.20 -0.02 5.05
C TYR A 329 -6.19 -0.43 4.00
N GLY A 330 -5.13 -1.17 4.35
CA GLY A 330 -4.08 -1.52 3.43
C GLY A 330 -3.98 -3.02 3.27
N LEU A 331 -3.55 -3.45 2.08
CA LEU A 331 -3.55 -4.87 1.75
C LEU A 331 -2.60 -5.09 0.59
N GLU A 332 -1.61 -5.98 0.75
CA GLU A 332 -0.64 -6.23 -0.31
C GLU A 332 -0.05 -7.62 -0.15
N TRP A 333 -0.16 -8.45 -1.17
CA TRP A 333 0.50 -9.76 -1.16
C TRP A 333 2.02 -9.60 -1.22
N SER A 334 2.74 -10.54 -0.59
CA SER A 334 4.20 -10.58 -0.75
C SER A 334 4.56 -10.83 -2.21
N PRO A 335 5.50 -10.07 -2.79
CA PRO A 335 5.93 -10.33 -4.15
C PRO A 335 6.87 -11.52 -4.28
N HIS A 336 7.30 -12.13 -3.15
CA HIS A 336 8.24 -13.24 -3.15
C HIS A 336 7.64 -14.57 -2.73
N ASP A 337 6.55 -14.58 -1.97
CA ASP A 337 6.04 -15.81 -1.37
C ASP A 337 4.54 -15.86 -1.55
N GLU A 338 4.08 -16.83 -2.33
CA GLU A 338 2.64 -17.00 -2.62
C GLU A 338 1.72 -16.98 -1.40
N PRO A 339 2.00 -17.65 -0.29
CA PRO A 339 1.03 -17.67 0.81
C PRO A 339 1.10 -16.49 1.78
N ILE A 340 1.96 -15.50 1.54
CA ILE A 340 2.23 -14.45 2.51
C ILE A 340 1.48 -13.18 2.11
N LEU A 341 0.72 -12.62 3.05
CA LEU A 341 -0.15 -11.48 2.81
C LEU A 341 0.00 -10.50 3.97
N ALA A 342 -0.10 -9.20 3.68
CA ALA A 342 0.04 -8.19 4.71
C ALA A 342 -1.11 -7.21 4.64
N SER A 343 -1.47 -6.68 5.80
CA SER A 343 -2.58 -5.74 5.89
C SER A 343 -2.24 -4.67 6.91
N SER A 344 -2.96 -3.55 6.85
CA SER A 344 -2.73 -2.46 7.79
C SER A 344 -4.04 -1.76 8.13
N SER A 345 -4.09 -1.17 9.32
CA SER A 345 -5.34 -0.78 9.92
C SER A 345 -5.18 0.52 10.72
N THR A 346 -6.32 1.18 10.95
CA THR A 346 -6.30 2.29 11.89
C THR A 346 -6.02 1.83 13.31
N ASP A 347 -5.92 0.50 13.57
CA ASP A 347 -5.41 0.06 14.87
C ASP A 347 -3.90 0.25 15.02
N ARG A 348 -3.26 0.90 14.05
CA ARG A 348 -1.84 1.29 14.10
C ARG A 348 -0.92 0.11 13.88
N ARG A 349 -1.44 -1.03 13.43
CA ARG A 349 -0.62 -2.22 13.23
C ARG A 349 -0.56 -2.62 11.76
N VAL A 350 0.57 -3.22 11.38
CA VAL A 350 0.70 -3.94 10.11
C VAL A 350 0.76 -5.40 10.49
N CYS A 351 -0.13 -6.22 9.93
CA CYS A 351 -0.13 -7.64 10.21
C CYS A 351 0.33 -8.41 9.00
N ILE A 352 1.02 -9.53 9.24
CA ILE A 352 1.48 -10.41 8.19
C ILE A 352 0.85 -11.79 8.42
N TRP A 353 0.17 -12.30 7.40
CA TRP A 353 -0.57 -13.56 7.44
C TRP A 353 0.15 -14.61 6.62
N ASP A 354 0.14 -15.86 7.08
CA ASP A 354 0.74 -16.97 6.32
C ASP A 354 -0.34 -18.00 6.06
N LEU A 355 -0.84 -18.03 4.81
CA LEU A 355 -1.99 -18.84 4.47
C LEU A 355 -1.72 -20.34 4.55
N GLU A 356 -0.45 -20.76 4.65
CA GLU A 356 -0.16 -22.17 4.84
C GLU A 356 -0.66 -22.69 6.19
N LYS A 357 -0.94 -21.79 7.13
CA LYS A 357 -1.43 -22.19 8.45
C LYS A 357 -2.96 -22.24 8.52
N ILE A 358 -3.63 -22.04 7.39
CA ILE A 358 -5.07 -22.28 7.26
C ILE A 358 -5.37 -23.70 7.73
N GLY A 359 -6.26 -23.83 8.72
CA GLY A 359 -6.66 -25.12 9.23
C GLY A 359 -5.96 -25.56 10.50
N GLU A 360 -4.75 -25.08 10.76
CA GLU A 360 -4.04 -25.40 11.99
C GLU A 360 -4.92 -25.17 13.21
N GLU A 361 -4.77 -26.04 14.20
CA GLU A 361 -5.53 -25.98 15.43
C GLU A 361 -4.86 -25.04 16.43
N GLN A 362 -5.67 -24.28 17.16
CA GLN A 362 -5.15 -23.37 18.17
C GLN A 362 -6.12 -23.36 19.35
N THR A 363 -5.59 -23.00 20.52
CA THR A 363 -6.40 -22.90 21.71
C THR A 363 -7.20 -21.60 21.71
N PRO A 364 -8.31 -21.54 22.45
CA PRO A 364 -9.06 -20.28 22.54
C PRO A 364 -8.23 -19.12 23.10
N GLU A 365 -7.20 -19.41 23.92
CA GLU A 365 -6.29 -18.36 24.35
C GLU A 365 -5.57 -17.75 23.15
N ASP A 366 -4.91 -18.59 22.36
CA ASP A 366 -4.24 -18.10 21.15
C ASP A 366 -5.21 -17.43 20.22
N ALA A 367 -6.46 -17.90 20.18
CA ALA A 367 -7.46 -17.31 19.28
C ALA A 367 -7.81 -15.89 19.67
N GLU A 368 -7.57 -15.50 20.93
CA GLU A 368 -7.78 -14.10 21.28
C GLU A 368 -6.78 -13.20 20.58
N ASP A 369 -5.61 -13.74 20.23
CA ASP A 369 -4.60 -12.99 19.50
C ASP A 369 -4.90 -12.91 18.01
N GLY A 370 -5.75 -13.79 17.47
CA GLY A 370 -6.09 -13.75 16.07
C GLY A 370 -6.23 -15.11 15.41
N SER A 371 -6.62 -15.12 14.13
CA SER A 371 -6.74 -16.34 13.36
C SER A 371 -5.40 -17.10 13.37
N PRO A 372 -5.43 -18.42 13.14
CA PRO A 372 -4.15 -19.17 13.12
C PRO A 372 -3.15 -18.68 12.08
N GLU A 373 -3.60 -18.12 10.96
CA GLU A 373 -2.64 -17.68 9.96
C GLU A 373 -1.93 -16.38 10.33
N LEU A 374 -2.29 -15.73 11.44
CA LEU A 374 -1.58 -14.51 11.83
C LEU A 374 -0.16 -14.89 12.27
N LEU A 375 0.82 -14.40 11.52
CA LEU A 375 2.23 -14.73 11.71
C LEU A 375 2.99 -13.65 12.47
N PHE A 376 2.74 -12.36 12.18
CA PHE A 376 3.55 -11.28 12.71
C PHE A 376 2.72 -10.02 12.78
N MET A 377 2.86 -9.30 13.89
CA MET A 377 2.24 -7.99 14.08
C MET A 377 3.37 -7.00 14.29
N HIS A 378 3.42 -5.97 13.44
CA HIS A 378 4.38 -4.87 13.59
C HIS A 378 3.77 -3.77 14.44
N GLY A 379 4.33 -3.53 15.64
CA GLY A 379 3.77 -2.53 16.52
C GLY A 379 4.60 -1.26 16.67
N GLY A 380 5.44 -0.97 15.69
CA GLY A 380 6.37 0.14 15.77
C GLY A 380 5.81 1.51 15.49
N HIS A 381 4.61 1.61 14.92
CA HIS A 381 4.03 2.91 14.63
C HIS A 381 3.12 3.37 15.78
N THR A 382 3.03 4.70 15.92
CA THR A 382 2.33 5.31 17.04
C THR A 382 1.17 6.19 16.58
N ASN A 383 0.72 5.98 15.34
CA ASN A 383 -0.47 6.59 14.79
C ASN A 383 -1.00 5.68 13.70
N ARG A 384 -2.09 6.08 13.07
CA ARG A 384 -2.72 5.30 12.01
C ARG A 384 -1.76 5.03 10.84
N ILE A 385 -1.74 3.79 10.35
CA ILE A 385 -0.91 3.47 9.18
C ILE A 385 -1.48 4.16 7.94
N SER A 386 -0.63 4.90 7.23
CA SER A 386 -1.05 5.55 5.99
C SER A 386 -1.06 4.58 4.82
N GLU A 387 0.01 3.81 4.69
CA GLU A 387 0.27 2.88 3.60
C GLU A 387 1.57 2.15 3.94
N PHE A 388 1.76 0.99 3.33
CA PHE A 388 3.04 0.28 3.41
C PHE A 388 3.32 -0.36 2.05
N SER A 389 4.53 -0.91 1.90
CA SER A 389 4.96 -1.44 0.61
C SER A 389 6.03 -2.51 0.86
N TRP A 390 5.87 -3.68 0.25
CA TRP A 390 6.88 -4.73 0.31
C TRP A 390 8.09 -4.37 -0.53
N CYS A 391 9.27 -4.56 0.02
CA CYS A 391 10.50 -4.29 -0.73
C CYS A 391 10.72 -5.37 -1.79
N PRO A 392 10.74 -5.04 -3.09
CA PRO A 392 10.86 -6.08 -4.13
C PRO A 392 12.27 -6.63 -4.26
N ASN A 393 13.26 -5.92 -3.70
CA ASN A 393 14.68 -6.23 -3.83
C ASN A 393 15.24 -7.05 -2.66
N GLU A 394 14.47 -7.24 -1.60
CA GLU A 394 14.91 -7.98 -0.44
C GLU A 394 13.74 -8.83 0.06
N ARG A 395 14.05 -10.01 0.58
CA ARG A 395 13.01 -10.84 1.14
C ARG A 395 12.66 -10.38 2.56
N TRP A 396 11.37 -10.35 2.85
CA TRP A 396 10.86 -10.06 4.18
C TRP A 396 11.27 -8.68 4.69
N VAL A 397 11.27 -7.68 3.79
CA VAL A 397 11.47 -6.29 4.17
C VAL A 397 10.24 -5.50 3.76
N VAL A 398 9.71 -4.70 4.69
CA VAL A 398 8.54 -3.84 4.50
C VAL A 398 8.91 -2.39 4.81
N GLY A 399 8.46 -1.46 3.98
CA GLY A 399 8.46 -0.05 4.34
C GLY A 399 7.04 0.39 4.65
N SER A 400 6.87 1.03 5.81
CA SER A 400 5.56 1.48 6.27
C SER A 400 5.60 2.91 6.79
N LEU A 401 4.48 3.63 6.61
CA LEU A 401 4.29 5.02 7.00
C LEU A 401 3.06 5.15 7.91
N ALA A 402 3.17 6.01 8.91
CA ALA A 402 2.04 6.40 9.74
C ALA A 402 1.84 7.92 9.64
N ASP A 403 0.68 8.36 10.12
CA ASP A 403 0.30 9.76 9.97
C ASP A 403 1.15 10.73 10.79
N ASP A 404 2.00 10.27 11.71
CA ASP A 404 2.81 11.19 12.48
C ASP A 404 4.22 11.39 11.90
N ASN A 405 4.36 11.32 10.57
CA ASN A 405 5.60 11.66 9.86
C ASN A 405 6.69 10.60 9.96
N ILE A 406 6.40 9.38 10.40
CA ILE A 406 7.43 8.38 10.65
C ILE A 406 7.42 7.38 9.50
N LEU A 407 8.60 7.15 8.90
CA LEU A 407 8.83 6.06 7.96
C LEU A 407 9.66 5.02 8.68
N GLN A 408 9.26 3.76 8.56
CA GLN A 408 10.02 2.66 9.14
C GLN A 408 10.26 1.61 8.07
N ILE A 409 11.46 1.03 8.06
CA ILE A 409 11.85 -0.02 7.13
C ILE A 409 12.31 -1.17 8.00
N TRP A 410 11.68 -2.34 7.87
CA TRP A 410 11.84 -3.37 8.89
C TRP A 410 11.71 -4.77 8.29
N SER A 411 12.24 -5.73 9.04
CA SER A 411 12.27 -7.13 8.62
C SER A 411 12.01 -7.99 9.85
N PRO A 412 10.96 -8.80 9.89
CA PRO A 412 10.79 -9.69 11.05
C PRO A 412 11.94 -10.69 11.12
N SER A 413 12.17 -11.21 12.32
CA SER A 413 13.28 -12.11 12.53
C SER A 413 13.06 -13.41 11.77
N ARG A 414 14.14 -13.95 11.19
CA ARG A 414 14.05 -15.22 10.48
C ARG A 414 13.64 -16.37 11.39
N VAL A 415 13.77 -16.20 12.71
CA VAL A 415 13.21 -17.18 13.63
C VAL A 415 11.72 -17.37 13.39
N ILE A 416 11.01 -16.30 13.01
CA ILE A 416 9.56 -16.34 12.89
C ILE A 416 9.10 -16.86 11.55
N TRP A 417 9.72 -16.46 10.44
CA TRP A 417 9.25 -16.85 9.12
C TRP A 417 10.04 -18.00 8.49
N GLY A 418 11.21 -18.33 9.01
CA GLY A 418 12.06 -19.35 8.41
C GLY A 418 11.49 -20.76 8.50
N ARG A 419 12.22 -21.68 7.87
CA ARG A 419 11.80 -23.07 7.66
C ARG A 419 10.48 -23.14 6.90
N ILE B 17 13.71 -18.85 26.08
CA ILE B 17 12.50 -18.71 25.27
C ILE B 17 12.81 -19.04 23.81
N THR B 18 12.45 -20.25 23.40
CA THR B 18 12.78 -20.75 22.07
C THR B 18 11.71 -20.28 21.07
N LYS B 19 11.59 -20.96 19.93
CA LYS B 19 10.70 -20.52 18.86
C LYS B 19 9.24 -20.33 19.28
N PRO B 20 8.61 -21.23 20.05
CA PRO B 20 7.18 -21.04 20.33
C PRO B 20 6.86 -19.82 21.18
N ALA B 21 7.73 -19.45 22.12
CA ALA B 21 7.48 -18.22 22.86
C ALA B 21 7.61 -17.00 21.95
N ILE B 22 8.63 -17.01 21.09
CA ILE B 22 8.85 -15.93 20.14
C ILE B 22 7.67 -15.82 19.18
N ARG B 23 7.01 -16.93 18.86
CA ARG B 23 5.91 -16.87 17.91
C ARG B 23 4.64 -16.28 18.52
N ARG B 24 4.39 -16.49 19.82
CA ARG B 24 3.27 -15.80 20.45
C ARG B 24 3.59 -14.32 20.63
N LEU B 25 4.83 -14.02 21.01
CA LEU B 25 5.29 -12.64 21.07
C LEU B 25 5.06 -11.94 19.73
N ALA B 26 5.42 -12.62 18.62
CA ALA B 26 5.25 -12.00 17.30
C ALA B 26 3.78 -11.73 16.98
N ARG B 27 2.90 -12.69 17.26
CA ARG B 27 1.48 -12.48 16.99
C ARG B 27 0.91 -11.34 17.82
N ARG B 28 1.44 -11.13 19.02
CA ARG B 28 1.04 -10.03 19.89
C ARG B 28 1.81 -8.75 19.60
N GLY B 29 2.76 -8.77 18.68
CA GLY B 29 3.44 -7.54 18.35
C GLY B 29 4.40 -7.03 19.41
N GLY B 30 4.79 -7.88 20.35
CA GLY B 30 5.67 -7.46 21.42
C GLY B 30 5.11 -6.35 22.29
N VAL B 31 3.80 -6.15 22.28
CA VAL B 31 3.21 -4.99 22.96
C VAL B 31 2.53 -5.48 24.22
#